data_8I9M
#
_entry.id   8I9M
#
_cell.length_a   1.00
_cell.length_b   1.00
_cell.length_c   1.00
_cell.angle_alpha   90.00
_cell.angle_beta   90.00
_cell.angle_gamma   90.00
#
_symmetry.space_group_name_H-M   'P 1'
#
loop_
_entity.id
_entity.type
_entity.pdbx_description
1 polymer 'High mobility group protein B1'
2 polymer 'Advanced glycosylation end product-specific receptor'
#
loop_
_entity_poly.entity_id
_entity_poly.type
_entity_poly.pdbx_seq_one_letter_code
_entity_poly.pdbx_strand_id
1 'polypeptide(L)' FKDPNAPKRPPSAFFLFCSEYRPKIKGEHPGLSIGDVAKKLGEMWNNTAADDKQPYEKKAAKLKEKYEKDIAAYR A
2 'polypeptide(L)'
;AQNITARIGEPLVLKCKGAPKKPPQRLEWKLNTGRTEAWKVLSPQGGGPWDSVARVLPNGSLFLPAVGIQDEGIFRCQAM
NRNGKETKSNYRVRVYQIPGKPEIVDSASELTAGVPNKVGTCVSEGSYPAGTLSWHLDGKPLVPNEKGVSVKEQTRRHPE
TGLFTLQSELMVTPARGGDPRPTFSCSFSPGLPRHRALRTAPIQPRVWEPV
;
B
#
# COMPACT_ATOMS: atom_id res chain seq x y z
N PHE A 1 -1.90 -8.48 -41.89
CA PHE A 1 -2.33 -8.56 -40.50
C PHE A 1 -3.66 -7.90 -40.35
N LYS A 2 -4.32 -7.64 -41.47
CA LYS A 2 -5.07 -6.40 -41.62
C LYS A 2 -6.44 -6.71 -42.22
N ASP A 3 -7.25 -5.68 -42.43
CA ASP A 3 -8.57 -5.65 -43.05
C ASP A 3 -8.90 -4.19 -43.33
N PRO A 4 -9.77 -3.89 -44.33
CA PRO A 4 -9.57 -2.66 -45.15
C PRO A 4 -9.45 -1.35 -44.38
N ASN A 5 -10.14 -1.22 -43.26
CA ASN A 5 -9.79 -0.22 -42.26
C ASN A 5 -9.76 -0.84 -40.86
N ALA A 6 -9.20 -2.02 -40.73
CA ALA A 6 -9.72 -2.93 -39.72
C ALA A 6 -8.62 -3.92 -39.32
N PRO A 7 -8.63 -4.38 -38.06
CA PRO A 7 -7.40 -4.51 -37.28
C PRO A 7 -6.14 -5.03 -37.89
N LYS A 8 -5.07 -4.49 -37.37
CA LYS A 8 -3.71 -4.95 -37.44
C LYS A 8 -3.56 -6.21 -36.63
N ARG A 9 -2.36 -6.72 -36.58
CA ARG A 9 -2.07 -7.70 -35.56
C ARG A 9 -0.82 -7.22 -34.85
N PRO A 10 -0.94 -6.65 -33.66
CA PRO A 10 -0.20 -5.43 -33.32
C PRO A 10 1.27 -5.66 -33.08
N PRO A 11 2.12 -4.75 -33.56
CA PRO A 11 3.56 -4.98 -33.50
C PRO A 11 4.19 -4.59 -32.19
N SER A 12 4.98 -5.53 -31.68
CA SER A 12 5.78 -5.40 -30.48
C SER A 12 6.70 -6.60 -30.43
N ALA A 13 7.93 -6.40 -30.03
CA ALA A 13 8.84 -7.52 -29.85
C ALA A 13 8.77 -7.97 -28.41
N PHE A 14 8.61 -9.28 -28.19
CA PHE A 14 8.71 -9.78 -26.83
C PHE A 14 9.96 -10.59 -26.63
N PHE A 15 10.66 -10.89 -27.72
CA PHE A 15 11.86 -11.70 -27.71
C PHE A 15 12.94 -11.06 -26.85
N LEU A 16 12.96 -9.74 -26.80
CA LEU A 16 14.00 -9.01 -26.12
C LEU A 16 13.64 -8.80 -24.65
N PHE A 17 13.73 -9.88 -23.88
CA PHE A 17 13.44 -9.77 -22.45
C PHE A 17 14.51 -8.96 -21.75
N CYS A 18 15.77 -9.20 -22.07
CA CYS A 18 16.86 -8.56 -21.35
C CYS A 18 17.24 -7.25 -21.99
N SER A 19 16.91 -6.16 -21.30
CA SER A 19 16.84 -4.86 -21.92
C SER A 19 18.07 -4.01 -21.62
N GLU A 20 18.79 -4.36 -20.55
CA GLU A 20 19.95 -3.60 -20.11
C GLU A 20 21.11 -4.50 -19.70
N TYR A 21 20.84 -5.80 -19.58
CA TYR A 21 21.88 -6.78 -19.36
C TYR A 21 22.44 -7.31 -20.67
N ARG A 22 21.54 -7.55 -21.63
CA ARG A 22 21.97 -8.10 -22.91
C ARG A 22 22.75 -7.14 -23.78
N PRO A 23 22.32 -5.90 -24.00
CA PRO A 23 22.26 -5.40 -25.37
C PRO A 23 23.56 -4.96 -25.98
N LYS A 24 24.68 -5.25 -25.33
CA LYS A 24 25.90 -4.50 -25.56
C LYS A 24 26.58 -4.96 -26.85
N ILE A 25 25.95 -4.57 -27.96
CA ILE A 25 26.55 -4.62 -29.30
C ILE A 25 26.88 -3.22 -29.76
N LYS A 26 27.04 -2.30 -28.83
CA LYS A 26 26.95 -0.89 -29.15
C LYS A 26 28.27 -0.14 -29.07
N GLY A 27 28.94 -0.14 -27.92
CA GLY A 27 30.00 0.81 -27.68
C GLY A 27 31.36 0.19 -27.76
N GLU A 28 31.88 -0.21 -26.61
CA GLU A 28 33.20 -0.83 -26.55
C GLU A 28 33.16 -2.26 -27.07
N HIS A 29 31.97 -2.79 -27.32
CA HIS A 29 31.67 -4.21 -27.19
C HIS A 29 31.07 -4.76 -28.48
N PRO A 30 31.87 -5.36 -29.37
CA PRO A 30 31.29 -6.07 -30.51
C PRO A 30 30.53 -7.34 -30.16
N GLY A 31 30.74 -7.94 -28.99
CA GLY A 31 30.09 -9.21 -28.69
C GLY A 31 29.26 -9.34 -27.42
N LEU A 32 27.96 -9.58 -27.58
CA LEU A 32 27.11 -10.21 -26.57
C LEU A 32 26.07 -11.06 -27.28
N SER A 33 25.59 -12.11 -26.64
CA SER A 33 24.98 -13.17 -27.43
C SER A 33 23.51 -12.89 -27.69
N ILE A 34 23.02 -13.55 -28.76
CA ILE A 34 21.62 -13.49 -29.13
C ILE A 34 20.78 -14.24 -28.12
N GLY A 35 21.37 -15.21 -27.44
CA GLY A 35 20.69 -15.84 -26.35
C GLY A 35 20.56 -15.01 -25.11
N ASP A 36 21.36 -13.93 -24.98
CA ASP A 36 21.38 -13.18 -23.74
C ASP A 36 20.14 -12.31 -23.56
N VAL A 37 19.20 -12.33 -24.50
CA VAL A 37 18.08 -11.41 -24.48
C VAL A 37 16.75 -12.08 -24.19
N ALA A 38 16.67 -13.41 -24.24
CA ALA A 38 15.39 -14.08 -24.25
C ALA A 38 15.18 -15.01 -23.07
N LYS A 39 16.25 -15.61 -22.54
CA LYS A 39 16.14 -16.64 -21.52
C LYS A 39 16.67 -16.19 -20.16
N LYS A 40 16.77 -14.89 -19.93
CA LYS A 40 17.35 -14.34 -18.70
C LYS A 40 16.46 -13.24 -18.15
N LEU A 41 15.16 -13.55 -18.00
CA LEU A 41 14.12 -12.54 -17.76
C LEU A 41 13.93 -12.18 -16.28
N GLY A 42 14.99 -11.61 -15.69
CA GLY A 42 14.93 -11.14 -14.31
C GLY A 42 15.75 -9.89 -14.05
N GLU A 43 15.91 -9.06 -15.08
CA GLU A 43 17.11 -8.24 -15.23
C GLU A 43 17.10 -6.98 -14.38
N MET A 44 16.10 -6.12 -14.56
CA MET A 44 16.20 -4.73 -14.14
C MET A 44 16.18 -4.60 -12.62
N TRP A 45 15.30 -5.35 -11.95
CA TRP A 45 15.22 -5.31 -10.51
C TRP A 45 16.46 -5.88 -9.83
N ASN A 46 17.31 -6.60 -10.55
CA ASN A 46 18.56 -7.12 -10.03
C ASN A 46 19.67 -6.10 -10.23
N ASN A 47 19.30 -4.82 -10.15
CA ASN A 47 20.24 -3.72 -10.10
C ASN A 47 20.05 -2.85 -8.87
N THR A 48 19.16 -3.21 -7.95
CA THR A 48 18.80 -2.35 -6.83
C THR A 48 19.47 -2.79 -5.53
N ALA A 49 19.09 -2.13 -4.44
CA ALA A 49 19.53 -2.48 -3.10
C ALA A 49 18.69 -3.62 -2.57
N ALA A 50 18.84 -3.88 -1.27
CA ALA A 50 18.34 -5.10 -0.66
C ALA A 50 16.86 -5.06 -0.33
N ASP A 51 16.06 -4.26 -1.04
CA ASP A 51 14.67 -4.07 -0.64
C ASP A 51 13.70 -5.01 -1.37
N ASP A 52 13.61 -4.89 -2.70
CA ASP A 52 12.58 -5.64 -3.43
C ASP A 52 13.08 -6.12 -4.79
N LYS A 53 14.29 -6.67 -4.84
CA LYS A 53 15.07 -6.72 -6.07
C LYS A 53 14.69 -7.85 -7.01
N GLN A 54 13.52 -8.48 -6.85
CA GLN A 54 13.22 -9.69 -7.60
C GLN A 54 12.71 -9.56 -9.04
N PRO A 55 11.55 -8.98 -9.32
CA PRO A 55 10.78 -9.42 -10.49
C PRO A 55 11.04 -8.70 -11.81
N TYR A 56 10.64 -9.40 -12.89
CA TYR A 56 10.38 -8.85 -14.22
C TYR A 56 9.58 -9.88 -14.97
N GLU A 57 8.34 -9.54 -15.46
CA GLU A 57 7.68 -10.68 -16.08
C GLU A 57 7.11 -10.47 -17.49
N LYS A 58 6.34 -9.40 -17.73
CA LYS A 58 5.41 -9.40 -18.85
C LYS A 58 6.09 -8.90 -20.11
N LYS A 59 5.49 -9.21 -21.26
CA LYS A 59 6.03 -8.83 -22.56
C LYS A 59 4.90 -8.58 -23.53
N ALA A 60 5.24 -8.55 -24.81
CA ALA A 60 4.29 -8.18 -25.87
C ALA A 60 4.80 -8.65 -27.21
N ALA A 61 4.12 -9.62 -27.83
CA ALA A 61 4.57 -10.08 -29.12
C ALA A 61 3.85 -9.34 -30.24
N LYS A 62 4.06 -9.80 -31.47
CA LYS A 62 3.51 -9.17 -32.65
C LYS A 62 2.38 -9.95 -33.31
N LEU A 63 2.66 -11.22 -33.61
CA LEU A 63 2.23 -11.88 -34.84
C LEU A 63 0.73 -11.83 -35.06
N LYS A 64 -0.06 -12.09 -34.04
CA LYS A 64 -1.48 -11.90 -34.12
C LYS A 64 -1.77 -10.89 -33.04
N GLU A 65 -0.68 -10.56 -32.35
CA GLU A 65 -0.66 -10.78 -30.92
C GLU A 65 -1.65 -10.00 -30.08
N LYS A 66 -1.50 -8.69 -30.05
CA LYS A 66 -2.04 -7.97 -28.91
C LYS A 66 -3.55 -7.74 -29.01
N TYR A 67 -4.31 -8.79 -28.66
CA TYR A 67 -5.78 -8.82 -28.64
C TYR A 67 -6.41 -8.07 -27.47
N GLU A 68 -5.61 -7.38 -26.67
CA GLU A 68 -6.09 -6.75 -25.46
C GLU A 68 -5.82 -5.25 -25.42
N LYS A 69 -4.87 -4.74 -26.22
CA LYS A 69 -4.58 -3.31 -26.24
C LYS A 69 -4.91 -2.66 -27.58
N ASP A 70 -4.22 -3.08 -28.65
CA ASP A 70 -4.09 -2.24 -29.83
C ASP A 70 -4.26 -3.07 -31.09
N ILE A 71 -5.00 -4.16 -30.96
CA ILE A 71 -5.53 -4.70 -32.19
C ILE A 71 -6.68 -3.83 -32.61
N ALA A 72 -7.27 -3.15 -31.64
CA ALA A 72 -8.11 -1.99 -31.88
C ALA A 72 -7.37 -0.89 -32.60
N ALA A 73 -6.04 -0.85 -32.59
CA ALA A 73 -5.33 0.26 -33.23
C ALA A 73 -5.33 0.15 -34.75
N TYR A 74 -6.01 -0.82 -35.29
CA TYR A 74 -6.54 -0.65 -36.62
C TYR A 74 -7.96 -1.13 -36.71
N ARG A 75 -8.46 -1.82 -35.70
CA ARG A 75 -9.87 -2.15 -35.66
C ARG A 75 -10.75 -0.93 -35.42
N ALA B 1 1.75 -11.25 -1.87
CA ALA B 1 1.05 -12.25 -1.08
C ALA B 1 -0.03 -11.60 -0.22
N GLN B 2 -0.57 -12.35 0.75
CA GLN B 2 -1.91 -12.07 1.25
C GLN B 2 -1.93 -10.91 2.24
N ASN B 3 -0.93 -10.81 3.12
CA ASN B 3 -0.72 -9.59 3.90
C ASN B 3 0.73 -9.16 3.73
N ILE B 4 1.01 -8.48 2.61
CA ILE B 4 2.29 -7.88 2.28
C ILE B 4 2.06 -7.08 1.00
N THR B 5 2.91 -6.09 0.76
CA THR B 5 2.97 -5.44 -0.54
C THR B 5 3.99 -6.21 -1.38
N ALA B 6 3.68 -7.45 -1.72
CA ALA B 6 4.66 -8.32 -2.39
C ALA B 6 3.94 -9.44 -3.13
N ARG B 7 4.65 -10.56 -3.30
CA ARG B 7 4.68 -11.35 -4.52
C ARG B 7 3.44 -12.22 -4.73
N ILE B 8 3.55 -13.16 -5.69
CA ILE B 8 2.73 -13.09 -6.90
C ILE B 8 2.15 -14.44 -7.34
N GLY B 9 0.82 -14.57 -7.25
CA GLY B 9 0.07 -15.37 -8.20
C GLY B 9 -0.51 -16.77 -8.00
N GLU B 10 -1.01 -17.16 -6.83
CA GLU B 10 -1.45 -18.54 -6.58
C GLU B 10 -2.87 -18.60 -5.98
N PRO B 11 -3.70 -19.57 -6.41
CA PRO B 11 -5.16 -19.40 -6.34
C PRO B 11 -6.04 -19.98 -5.22
N LEU B 12 -6.72 -19.17 -4.39
CA LEU B 12 -7.47 -19.82 -3.30
C LEU B 12 -8.93 -19.37 -3.22
N VAL B 13 -9.62 -19.95 -2.25
CA VAL B 13 -10.70 -19.39 -1.47
C VAL B 13 -10.42 -20.17 -0.20
N LEU B 14 -10.74 -19.65 0.98
CA LEU B 14 -10.13 -20.26 2.16
C LEU B 14 -10.67 -21.63 2.51
N LYS B 15 -10.38 -22.10 3.72
CA LYS B 15 -9.81 -23.43 3.98
C LYS B 15 -10.74 -24.53 3.48
N CYS B 16 -10.77 -24.67 2.16
CA CYS B 16 -11.40 -25.80 1.52
C CYS B 16 -10.45 -26.26 0.45
N LYS B 17 -10.71 -27.42 -0.12
CA LYS B 17 -9.65 -28.19 -0.77
C LYS B 17 -9.46 -27.65 -2.18
N GLY B 18 -8.25 -27.16 -2.48
CA GLY B 18 -7.94 -26.60 -3.78
C GLY B 18 -7.49 -25.16 -3.79
N ALA B 19 -6.77 -24.74 -2.75
CA ALA B 19 -6.58 -23.33 -2.45
C ALA B 19 -5.14 -22.86 -2.25
N PRO B 20 -4.37 -22.60 -3.31
CA PRO B 20 -3.04 -22.02 -3.10
C PRO B 20 -2.98 -20.50 -2.93
N LYS B 21 -1.83 -20.04 -2.44
CA LYS B 21 -1.85 -18.90 -1.52
C LYS B 21 -1.96 -17.56 -2.23
N LYS B 22 -0.92 -17.15 -2.95
CA LYS B 22 -0.71 -15.72 -3.14
C LYS B 22 -1.62 -15.08 -4.18
N PRO B 23 -2.28 -13.97 -3.84
CA PRO B 23 -3.28 -13.35 -4.72
C PRO B 23 -2.64 -12.83 -6.00
N PRO B 24 -3.44 -12.54 -7.02
CA PRO B 24 -4.83 -12.87 -7.27
C PRO B 24 -5.04 -14.21 -7.95
N GLN B 25 -5.95 -14.20 -8.91
CA GLN B 25 -6.97 -15.21 -8.97
C GLN B 25 -7.60 -15.11 -10.36
N ARG B 26 -8.10 -16.21 -11.01
CA ARG B 26 -8.68 -16.03 -12.35
C ARG B 26 -9.78 -16.98 -12.86
N LEU B 27 -10.32 -17.93 -12.10
CA LEU B 27 -11.40 -18.83 -12.58
C LEU B 27 -12.36 -19.14 -11.43
N GLU B 28 -12.93 -20.34 -11.33
CA GLU B 28 -13.93 -20.56 -10.27
C GLU B 28 -13.36 -21.34 -9.08
N TRP B 29 -12.92 -20.58 -8.07
CA TRP B 29 -12.69 -21.11 -6.72
C TRP B 29 -12.89 -19.98 -5.71
N LYS B 30 -14.14 -19.79 -5.30
CA LYS B 30 -14.90 -18.54 -5.37
C LYS B 30 -14.48 -17.49 -4.32
N LEU B 31 -15.43 -16.68 -3.88
CA LEU B 31 -15.36 -15.22 -3.85
C LEU B 31 -14.85 -14.65 -2.53
N ASN B 32 -14.40 -13.36 -2.61
CA ASN B 32 -14.25 -12.32 -1.58
C ASN B 32 -12.93 -12.27 -0.82
N THR B 33 -11.80 -12.60 -1.44
CA THR B 33 -10.53 -11.95 -1.07
C THR B 33 -9.73 -11.72 -2.34
N GLY B 34 -9.76 -10.53 -2.88
CA GLY B 34 -8.78 -10.30 -3.92
C GLY B 34 -9.27 -9.44 -5.07
N ARG B 35 -8.45 -9.33 -6.11
CA ARG B 35 -8.50 -8.14 -6.97
C ARG B 35 -9.13 -8.39 -8.32
N THR B 36 -8.86 -9.53 -8.97
CA THR B 36 -9.38 -9.78 -10.30
C THR B 36 -10.85 -10.16 -10.23
N GLU B 37 -11.41 -10.53 -11.39
CA GLU B 37 -12.80 -10.95 -11.45
C GLU B 37 -12.98 -12.33 -10.84
N ALA B 38 -12.27 -13.31 -11.38
CA ALA B 38 -12.54 -14.71 -11.05
C ALA B 38 -11.43 -15.30 -10.18
N TRP B 39 -11.54 -16.56 -9.77
CA TRP B 39 -11.20 -16.97 -8.41
C TRP B 39 -10.26 -18.17 -8.33
N LYS B 40 -9.43 -18.38 -9.35
CA LYS B 40 -8.56 -19.57 -9.41
C LYS B 40 -7.37 -19.23 -10.34
N VAL B 41 -6.69 -20.25 -10.92
CA VAL B 41 -5.36 -20.21 -11.53
C VAL B 41 -5.21 -19.02 -12.47
N LEU B 42 -4.24 -18.19 -12.14
CA LEU B 42 -4.17 -16.81 -12.57
C LEU B 42 -2.87 -16.52 -13.29
N SER B 43 -2.98 -15.90 -14.46
CA SER B 43 -1.87 -15.23 -15.07
C SER B 43 -2.42 -14.26 -16.09
N PRO B 44 -2.06 -12.99 -15.98
CA PRO B 44 -1.82 -12.14 -17.17
C PRO B 44 -0.35 -12.11 -17.55
N GLN B 45 0.37 -13.19 -17.20
CA GLN B 45 1.83 -13.34 -17.25
C GLN B 45 2.51 -12.72 -18.48
N GLY B 46 1.96 -12.95 -19.67
CA GLY B 46 2.42 -12.30 -20.87
C GLY B 46 3.62 -12.98 -21.48
N GLY B 47 3.49 -13.27 -22.77
CA GLY B 47 4.40 -14.14 -23.50
C GLY B 47 3.62 -15.15 -24.32
N GLY B 48 4.30 -15.67 -25.33
CA GLY B 48 3.77 -16.75 -26.12
C GLY B 48 2.60 -16.39 -27.01
N PRO B 49 1.67 -17.35 -27.20
CA PRO B 49 0.55 -17.13 -28.11
C PRO B 49 -0.60 -16.37 -27.50
N TRP B 50 -0.49 -15.97 -26.24
CA TRP B 50 -1.47 -15.10 -25.62
C TRP B 50 -0.74 -13.97 -24.91
N ASP B 51 0.41 -13.60 -25.47
CA ASP B 51 1.22 -12.44 -25.10
C ASP B 51 0.42 -11.15 -25.07
N SER B 52 -0.68 -11.10 -25.83
CA SER B 52 -1.76 -10.19 -25.51
C SER B 52 -2.06 -10.23 -24.02
N VAL B 53 -2.62 -11.32 -23.55
CA VAL B 53 -2.98 -11.29 -22.14
C VAL B 53 -1.88 -11.95 -21.33
N ALA B 54 -1.58 -13.22 -21.61
CA ALA B 54 -0.98 -14.01 -20.56
C ALA B 54 0.00 -15.06 -21.06
N ARG B 55 0.51 -15.81 -20.09
CA ARG B 55 0.88 -17.22 -20.28
C ARG B 55 0.26 -17.97 -19.10
N VAL B 56 -0.83 -18.69 -19.36
CA VAL B 56 -1.39 -19.57 -18.34
C VAL B 56 -0.57 -20.86 -18.28
N LEU B 57 -0.44 -21.47 -17.09
CA LEU B 57 0.45 -22.62 -16.94
C LEU B 57 -0.17 -23.80 -16.21
N PRO B 58 0.21 -25.04 -16.57
CA PRO B 58 -0.14 -26.18 -15.72
C PRO B 58 0.93 -26.56 -14.73
N ASN B 59 2.21 -26.27 -14.98
CA ASN B 59 3.22 -26.56 -13.97
C ASN B 59 3.16 -25.61 -12.79
N GLY B 60 2.58 -24.43 -12.95
CA GLY B 60 2.35 -23.58 -11.81
C GLY B 60 3.30 -22.41 -11.64
N SER B 61 3.62 -21.72 -12.72
CA SER B 61 4.36 -20.46 -12.65
C SER B 61 3.54 -19.45 -13.45
N LEU B 62 2.67 -18.73 -12.76
CA LEU B 62 1.62 -17.93 -13.38
C LEU B 62 1.28 -16.78 -12.45
N PHE B 63 1.21 -15.57 -13.01
CA PHE B 63 1.69 -14.38 -12.28
C PHE B 63 0.76 -13.17 -12.30
N LEU B 64 0.34 -12.73 -11.11
CA LEU B 64 -0.06 -11.35 -10.80
C LEU B 64 0.09 -11.13 -9.29
N PRO B 65 0.47 -9.91 -8.82
CA PRO B 65 0.90 -9.73 -7.42
C PRO B 65 -0.04 -9.90 -6.23
N ALA B 66 -1.15 -9.17 -6.12
CA ALA B 66 -1.57 -8.80 -4.77
C ALA B 66 -3.09 -8.81 -4.59
N VAL B 67 -3.51 -8.27 -3.44
CA VAL B 67 -4.75 -8.47 -2.71
C VAL B 67 -5.93 -7.64 -3.21
N GLY B 68 -7.09 -7.82 -2.56
CA GLY B 68 -8.23 -6.96 -2.75
C GLY B 68 -9.54 -7.44 -2.16
N ILE B 69 -10.60 -7.50 -2.98
CA ILE B 69 -11.98 -7.48 -2.49
C ILE B 69 -12.70 -8.80 -2.74
N GLN B 70 -12.52 -9.43 -3.89
CA GLN B 70 -13.56 -10.29 -4.47
C GLN B 70 -13.08 -11.66 -4.97
N ASP B 71 -11.99 -12.20 -4.41
CA ASP B 71 -11.38 -13.33 -5.12
C ASP B 71 -11.12 -14.62 -4.35
N GLU B 72 -10.60 -14.61 -3.13
CA GLU B 72 -10.27 -15.87 -2.49
C GLU B 72 -10.80 -15.95 -1.06
N GLY B 73 -12.06 -15.60 -0.86
CA GLY B 73 -12.48 -15.45 0.51
C GLY B 73 -13.59 -16.27 1.11
N ILE B 74 -14.78 -15.70 1.14
CA ILE B 74 -15.85 -16.29 1.92
C ILE B 74 -16.65 -17.18 0.98
N PHE B 75 -16.38 -18.48 1.03
CA PHE B 75 -17.17 -19.36 0.18
C PHE B 75 -17.48 -20.68 0.84
N ARG B 76 -18.70 -21.13 0.53
CA ARG B 76 -19.13 -22.50 0.61
C ARG B 76 -18.43 -23.30 -0.48
N CYS B 77 -17.27 -23.87 -0.18
CA CYS B 77 -16.23 -24.06 -1.20
C CYS B 77 -16.54 -25.21 -2.16
N GLN B 78 -17.71 -25.18 -2.80
CA GLN B 78 -17.93 -25.95 -4.02
C GLN B 78 -17.79 -25.02 -5.24
N ALA B 79 -16.53 -24.76 -5.55
CA ALA B 79 -16.17 -23.98 -6.73
C ALA B 79 -14.96 -24.65 -7.37
N MET B 80 -15.22 -25.50 -8.35
CA MET B 80 -14.56 -26.79 -8.50
C MET B 80 -13.03 -26.85 -8.46
N ASN B 81 -12.48 -27.17 -7.29
CA ASN B 81 -11.28 -28.01 -7.21
C ASN B 81 -11.64 -29.43 -6.82
N ARG B 82 -12.10 -29.63 -5.58
CA ARG B 82 -13.22 -30.52 -5.31
C ARG B 82 -14.10 -29.96 -4.20
N ASN B 83 -13.52 -29.35 -3.18
CA ASN B 83 -14.06 -29.50 -1.82
C ASN B 83 -13.73 -28.26 -1.01
N GLY B 84 -14.55 -27.97 0.01
CA GLY B 84 -15.97 -28.30 0.00
C GLY B 84 -16.89 -27.52 0.91
N LYS B 85 -16.33 -26.54 1.61
CA LYS B 85 -16.88 -26.21 2.91
C LYS B 85 -17.23 -24.74 2.94
N GLU B 86 -17.98 -24.32 3.94
CA GLU B 86 -18.13 -22.89 4.14
C GLU B 86 -16.85 -22.33 4.75
N THR B 87 -16.04 -21.63 3.94
CA THR B 87 -14.87 -21.02 4.56
C THR B 87 -14.67 -19.62 4.04
N LYS B 88 -13.87 -18.88 4.79
CA LYS B 88 -13.97 -17.42 4.84
C LYS B 88 -12.59 -16.82 4.78
N SER B 89 -12.45 -15.71 4.04
CA SER B 89 -11.38 -14.74 4.28
C SER B 89 -11.80 -13.42 3.66
N ASN B 90 -11.09 -12.36 4.01
CA ASN B 90 -11.13 -11.04 3.36
C ASN B 90 -9.86 -10.31 3.73
N TYR B 91 -9.13 -9.80 2.72
CA TYR B 91 -7.90 -9.09 3.09
C TYR B 91 -7.53 -8.01 2.07
N ARG B 92 -7.17 -6.83 2.60
CA ARG B 92 -6.68 -5.66 1.88
C ARG B 92 -5.52 -5.10 2.72
N VAL B 93 -4.37 -4.89 2.08
CA VAL B 93 -3.10 -4.57 2.76
C VAL B 93 -2.81 -3.08 2.59
N ARG B 94 -1.98 -2.54 3.49
CA ARG B 94 -1.29 -1.26 3.32
C ARG B 94 0.22 -1.51 3.46
N VAL B 95 1.02 -0.46 3.21
CA VAL B 95 2.43 -0.63 2.87
C VAL B 95 3.27 -0.76 4.15
N TYR B 96 4.19 -1.73 4.12
CA TYR B 96 5.22 -1.88 5.16
C TYR B 96 6.36 -2.70 4.60
N GLN B 97 7.59 -2.26 4.85
CA GLN B 97 8.83 -2.87 4.36
C GLN B 97 9.92 -2.61 5.39
N ILE B 98 11.17 -2.65 4.94
CA ILE B 98 12.35 -2.37 5.77
C ILE B 98 12.29 -0.93 6.27
N PRO B 99 12.31 -0.71 7.60
CA PRO B 99 12.11 0.65 8.13
C PRO B 99 13.36 1.49 8.31
N GLY B 100 13.16 2.76 8.67
CA GLY B 100 14.24 3.70 8.94
C GLY B 100 13.86 4.85 9.85
N LYS B 101 14.31 6.06 9.48
CA LYS B 101 14.58 7.48 9.71
C LYS B 101 13.42 8.17 10.43
N PRO B 102 13.65 9.29 11.14
CA PRO B 102 12.56 9.94 11.87
C PRO B 102 11.77 10.91 10.99
N GLU B 103 10.57 11.20 11.45
CA GLU B 103 9.63 12.10 10.75
C GLU B 103 9.23 13.16 11.75
N ILE B 104 9.28 14.44 11.33
CA ILE B 104 9.08 15.58 12.21
C ILE B 104 8.10 16.55 11.56
N VAL B 105 6.96 16.82 12.22
CA VAL B 105 6.11 17.99 12.01
C VAL B 105 5.36 18.16 13.32
N ASP B 106 4.55 19.23 13.46
CA ASP B 106 3.74 19.50 14.66
C ASP B 106 4.54 19.74 15.94
N SER B 107 5.08 20.94 16.15
CA SER B 107 5.65 21.28 17.46
C SER B 107 5.41 22.75 17.81
N ALA B 108 4.64 22.98 18.89
CA ALA B 108 4.57 24.28 19.55
C ALA B 108 4.05 24.06 20.96
N SER B 109 4.63 24.78 21.93
CA SER B 109 4.58 24.32 23.30
C SER B 109 3.70 25.11 24.27
N GLU B 110 3.93 26.40 24.51
CA GLU B 110 3.47 26.99 25.78
C GLU B 110 2.42 28.10 25.64
N LEU B 111 1.18 27.76 25.97
CA LEU B 111 0.17 28.72 26.41
C LEU B 111 -0.67 27.98 27.44
N THR B 112 -0.74 28.44 28.69
CA THR B 112 -1.02 27.53 29.83
C THR B 112 -2.48 27.04 29.92
N ALA B 113 -3.46 27.95 30.07
CA ALA B 113 -4.86 27.58 30.27
C ALA B 113 -5.78 28.76 29.95
N GLY B 114 -7.07 28.48 29.75
CA GLY B 114 -8.12 29.47 29.87
C GLY B 114 -8.82 29.97 28.62
N VAL B 115 -8.18 29.99 27.47
CA VAL B 115 -8.68 30.69 26.29
C VAL B 115 -8.78 29.65 25.17
N PRO B 116 -9.13 29.98 23.93
CA PRO B 116 -8.85 29.05 22.84
C PRO B 116 -7.43 28.50 22.86
N ASN B 117 -7.34 27.19 22.78
CA ASN B 117 -6.04 26.56 22.62
C ASN B 117 -5.56 26.74 21.21
N LYS B 118 -4.26 26.60 21.00
CA LYS B 118 -3.74 26.87 19.68
C LYS B 118 -3.11 25.67 18.99
N VAL B 119 -2.01 25.13 19.49
CA VAL B 119 -1.29 24.10 18.74
C VAL B 119 -0.85 23.00 19.70
N GLY B 120 -1.34 21.80 19.43
CA GLY B 120 -1.16 20.67 20.31
C GLY B 120 -0.96 19.44 19.50
N THR B 121 0.14 18.78 19.75
CA THR B 121 0.93 18.26 18.63
C THR B 121 1.20 16.77 18.63
N CYS B 122 0.39 15.95 19.30
CA CYS B 122 0.89 14.60 19.51
C CYS B 122 0.39 13.68 18.41
N VAL B 123 1.14 12.60 18.21
CA VAL B 123 1.32 12.01 16.88
C VAL B 123 0.74 10.62 16.84
N SER B 124 0.33 10.19 15.64
CA SER B 124 0.38 8.81 15.12
C SER B 124 -0.13 8.84 13.69
N GLU B 125 -0.28 7.64 13.13
CA GLU B 125 -1.21 7.38 12.03
C GLU B 125 -1.85 6.02 12.25
N GLY B 126 -2.77 5.68 11.35
CA GLY B 126 -3.18 4.31 11.16
C GLY B 126 -4.47 3.96 11.85
N SER B 127 -5.57 4.00 11.10
CA SER B 127 -6.92 3.68 11.54
C SER B 127 -7.80 3.74 10.29
N TYR B 128 -9.11 3.86 10.51
CA TYR B 128 -10.05 4.10 9.42
C TYR B 128 -11.23 4.92 9.94
N PRO B 129 -11.05 6.25 10.15
CA PRO B 129 -9.94 7.20 10.08
C PRO B 129 -9.29 7.47 11.44
N ALA B 130 -8.33 8.40 11.47
CA ALA B 130 -7.32 8.55 12.51
C ALA B 130 -7.84 8.72 13.93
N GLY B 131 -8.43 9.88 14.26
CA GLY B 131 -8.84 10.07 15.65
C GLY B 131 -9.32 11.42 16.14
N THR B 132 -9.01 11.70 17.41
CA THR B 132 -9.67 12.69 18.26
C THR B 132 -8.64 13.67 18.84
N LEU B 133 -9.03 14.36 19.92
CA LEU B 133 -8.17 15.29 20.64
C LEU B 133 -8.77 15.61 22.01
N SER B 134 -8.04 16.43 22.77
CA SER B 134 -8.60 17.13 23.91
C SER B 134 -7.87 18.45 24.08
N TRP B 135 -8.01 19.04 25.27
CA TRP B 135 -7.80 20.47 25.53
C TRP B 135 -6.92 20.60 26.76
N HIS B 136 -5.71 21.12 26.62
CA HIS B 136 -4.76 20.65 27.63
C HIS B 136 -3.92 21.60 28.47
N LEU B 137 -3.25 22.53 27.84
CA LEU B 137 -1.79 22.57 27.89
C LEU B 137 -0.99 22.12 29.12
N ASP B 138 -0.18 21.08 28.92
CA ASP B 138 1.12 20.88 29.56
C ASP B 138 1.18 20.92 31.05
N GLY B 139 0.77 19.86 31.72
CA GLY B 139 1.51 19.63 32.93
C GLY B 139 0.89 18.75 33.98
N LYS B 140 0.79 19.34 35.14
CA LYS B 140 0.17 18.76 36.31
C LYS B 140 -1.34 19.01 36.16
N PRO B 141 -2.18 18.55 37.10
CA PRO B 141 -3.64 18.70 36.91
C PRO B 141 -4.13 20.13 36.72
N LEU B 142 -5.29 20.19 36.06
CA LEU B 142 -5.89 21.38 35.50
C LEU B 142 -6.69 22.06 36.61
N VAL B 143 -7.38 23.14 36.27
CA VAL B 143 -8.30 23.78 37.23
C VAL B 143 -9.66 23.64 36.58
N PRO B 144 -10.75 23.43 37.32
CA PRO B 144 -12.04 23.19 36.70
C PRO B 144 -12.93 24.40 36.46
N ASN B 145 -13.50 24.42 35.25
CA ASN B 145 -14.60 25.29 34.81
C ASN B 145 -14.21 26.78 34.88
N GLU B 146 -13.27 27.16 34.00
CA GLU B 146 -12.88 28.57 33.82
C GLU B 146 -12.56 28.92 32.37
N LYS B 147 -13.46 29.68 31.74
CA LYS B 147 -13.24 30.48 30.53
C LYS B 147 -12.96 29.66 29.27
N GLY B 148 -12.91 28.34 29.39
CA GLY B 148 -12.84 27.53 28.20
C GLY B 148 -11.44 27.27 27.71
N VAL B 149 -10.97 26.04 27.85
CA VAL B 149 -9.79 25.53 27.20
C VAL B 149 -10.33 24.80 25.98
N SER B 150 -9.56 24.75 24.91
CA SER B 150 -10.17 24.46 23.63
C SER B 150 -9.36 23.54 22.72
N VAL B 151 -9.74 23.56 21.45
CA VAL B 151 -9.50 22.49 20.48
C VAL B 151 -8.02 22.39 20.14
N LYS B 152 -7.64 21.27 19.53
CA LYS B 152 -6.30 21.04 19.01
C LYS B 152 -6.11 21.59 17.62
N GLU B 153 -7.18 21.89 16.91
CA GLU B 153 -7.16 21.89 15.44
C GLU B 153 -6.75 23.25 14.86
N GLN B 154 -5.58 23.70 15.31
CA GLN B 154 -4.74 24.68 14.62
C GLN B 154 -3.31 24.18 14.70
N THR B 155 -3.13 23.00 15.29
CA THR B 155 -1.85 22.33 15.29
C THR B 155 -1.45 21.89 13.88
N ARG B 156 -0.19 21.52 13.72
CA ARG B 156 0.38 21.44 12.37
C ARG B 156 0.13 20.03 11.82
N ARG B 157 -1.06 19.88 11.26
CA ARG B 157 -1.62 18.58 10.89
C ARG B 157 -0.83 17.92 9.77
N HIS B 158 -0.71 16.60 9.83
CA HIS B 158 -0.47 15.75 8.67
C HIS B 158 -0.96 14.35 9.01
N PRO B 159 -1.94 13.81 8.28
CA PRO B 159 -2.60 12.57 8.77
C PRO B 159 -1.78 11.30 8.58
N GLU B 160 -1.15 11.10 7.43
CA GLU B 160 -0.60 9.79 7.11
C GLU B 160 0.92 9.73 6.99
N THR B 161 1.65 10.75 7.47
CA THR B 161 3.06 10.53 7.74
C THR B 161 3.27 9.91 9.12
N GLY B 162 2.26 9.97 9.98
CA GLY B 162 2.35 9.37 11.29
C GLY B 162 2.65 10.37 12.37
N LEU B 163 2.13 11.58 12.22
CA LEU B 163 2.75 12.68 12.94
C LEU B 163 1.73 13.68 13.43
N PHE B 164 0.44 13.32 13.42
CA PHE B 164 -0.55 13.96 14.30
C PHE B 164 -1.74 13.03 14.43
N THR B 165 -2.10 12.72 15.66
CA THR B 165 -3.37 12.11 16.07
C THR B 165 -3.78 12.61 17.44
N LEU B 166 -4.54 11.75 18.11
CA LEU B 166 -5.25 12.05 19.35
C LEU B 166 -4.35 12.40 20.53
N GLN B 167 -4.93 13.18 21.43
CA GLN B 167 -4.43 13.46 22.76
C GLN B 167 -5.65 13.64 23.65
N SER B 168 -5.96 12.64 24.46
CA SER B 168 -7.27 12.52 25.10
C SER B 168 -7.11 12.57 26.61
N GLU B 169 -7.12 13.78 27.17
CA GLU B 169 -7.28 13.91 28.61
C GLU B 169 -8.04 15.19 28.90
N LEU B 170 -8.90 15.10 29.90
CA LEU B 170 -10.14 15.84 29.93
C LEU B 170 -9.97 17.09 30.80
N MET B 171 -9.61 18.19 30.17
CA MET B 171 -10.03 19.47 30.71
C MET B 171 -11.33 19.91 30.10
N VAL B 172 -12.38 19.09 30.20
CA VAL B 172 -13.72 19.53 29.87
C VAL B 172 -14.19 20.56 30.88
N THR B 173 -13.58 20.56 32.07
CA THR B 173 -13.67 21.59 33.10
C THR B 173 -12.44 22.50 33.04
N PRO B 174 -12.53 23.68 32.38
CA PRO B 174 -11.32 24.48 32.08
C PRO B 174 -10.76 25.37 33.17
N ALA B 175 -9.61 26.00 32.92
CA ALA B 175 -8.73 26.43 33.99
C ALA B 175 -8.32 27.89 33.91
N ARG B 176 -8.26 28.55 35.07
CA ARG B 176 -7.40 29.72 35.30
C ARG B 176 -6.76 29.48 36.67
N GLY B 177 -5.61 28.83 36.70
CA GLY B 177 -4.95 28.59 37.97
C GLY B 177 -3.58 29.21 38.12
N GLY B 178 -2.79 29.22 37.05
CA GLY B 178 -1.39 29.59 37.17
C GLY B 178 -0.39 28.97 36.22
N ASP B 179 0.60 28.26 36.79
CA ASP B 179 1.78 27.76 36.08
C ASP B 179 1.38 26.84 34.93
N PRO B 180 2.28 26.63 33.97
CA PRO B 180 2.01 25.66 32.91
C PRO B 180 1.90 24.27 33.46
N ARG B 181 0.75 24.01 34.03
CA ARG B 181 0.39 22.71 34.55
C ARG B 181 -1.13 22.53 34.58
N PRO B 182 -1.85 22.75 33.46
CA PRO B 182 -3.02 21.92 33.24
C PRO B 182 -2.70 20.71 32.41
N THR B 183 -3.75 20.01 31.96
CA THR B 183 -3.77 18.70 31.33
C THR B 183 -2.65 18.38 30.35
N PHE B 184 -2.22 17.11 30.33
CA PHE B 184 -1.16 16.64 29.43
C PHE B 184 -1.20 15.11 29.44
N SER B 185 -1.57 14.51 28.29
CA SER B 185 -1.18 13.14 27.92
C SER B 185 -1.45 12.83 26.46
N CYS B 186 -0.42 12.50 25.68
CA CYS B 186 -0.64 12.40 24.24
C CYS B 186 0.01 11.23 23.54
N SER B 187 0.85 10.48 24.24
CA SER B 187 2.05 9.86 23.66
C SER B 187 1.71 8.58 22.91
N PHE B 188 1.87 8.60 21.57
CA PHE B 188 1.56 7.42 20.75
C PHE B 188 2.48 7.27 19.53
N SER B 189 2.21 6.19 18.79
CA SER B 189 2.99 5.47 17.79
C SER B 189 3.66 6.31 16.70
N PRO B 190 4.78 5.78 16.08
CA PRO B 190 5.44 6.51 14.98
C PRO B 190 4.80 6.30 13.61
N GLY B 191 5.55 6.61 12.55
CA GLY B 191 4.95 6.76 11.24
C GLY B 191 4.96 5.59 10.26
N LEU B 192 6.13 5.15 9.81
CA LEU B 192 6.07 4.37 8.58
C LEU B 192 7.24 3.41 8.42
N PRO B 193 7.03 2.20 7.99
CA PRO B 193 8.13 1.23 7.90
C PRO B 193 9.03 1.37 6.66
N ARG B 194 9.41 2.61 6.36
CA ARG B 194 10.61 2.92 5.60
C ARG B 194 11.29 4.09 6.31
N HIS B 195 10.49 4.89 7.01
CA HIS B 195 11.00 5.95 7.90
C HIS B 195 9.88 6.35 8.86
N ARG B 196 10.13 6.21 10.16
CA ARG B 196 9.10 6.30 11.19
C ARG B 196 9.08 7.70 11.77
N ALA B 197 8.23 7.92 12.77
CA ALA B 197 8.03 9.25 13.33
C ALA B 197 8.41 9.31 14.81
N LEU B 198 8.07 10.43 15.47
CA LEU B 198 8.31 10.62 16.90
C LEU B 198 7.30 11.64 17.44
N ARG B 199 7.34 11.96 18.74
CA ARG B 199 6.19 12.51 19.45
C ARG B 199 6.41 13.92 19.98
N THR B 200 5.32 14.63 20.29
CA THR B 200 5.34 16.06 20.63
C THR B 200 4.26 16.34 21.68
N ALA B 201 3.72 17.65 21.75
CA ALA B 201 3.20 18.31 22.96
C ALA B 201 1.68 18.44 23.05
N PRO B 202 1.16 18.84 24.26
CA PRO B 202 -0.23 19.27 24.42
C PRO B 202 -0.63 20.58 23.79
N ILE B 203 -1.85 21.01 24.13
CA ILE B 203 -2.59 22.01 23.37
C ILE B 203 -3.00 23.20 24.23
N GLN B 204 -2.78 24.39 23.68
CA GLN B 204 -2.31 25.55 24.44
C GLN B 204 -3.13 26.83 24.47
N PRO B 205 -3.83 27.11 25.56
CA PRO B 205 -4.40 28.45 25.79
C PRO B 205 -3.66 29.36 26.76
N ARG B 206 -3.47 30.64 26.49
CA ARG B 206 -2.52 31.40 27.30
C ARG B 206 -3.08 31.88 28.65
N VAL B 207 -2.22 31.88 29.68
CA VAL B 207 -2.43 32.66 30.90
C VAL B 207 -1.46 33.84 30.89
N TRP B 208 -1.68 34.79 31.80
CA TRP B 208 -1.22 36.14 31.51
C TRP B 208 -0.87 36.90 32.78
N GLU B 209 -0.22 38.04 32.59
CA GLU B 209 -0.20 39.13 33.56
C GLU B 209 -0.41 40.47 32.87
N PRO B 210 -1.67 40.96 32.80
CA PRO B 210 -1.91 42.39 32.56
C PRO B 210 -2.00 43.14 33.88
N VAL B 211 -1.05 42.87 34.77
CA VAL B 211 -1.07 43.29 36.16
C VAL B 211 -0.96 44.79 36.30
#